data_1M3Q
#
_entry.id   1M3Q
#
_cell.length_a   92.415
_cell.length_b   92.415
_cell.length_c   211.425
_cell.angle_alpha   90.00
_cell.angle_beta   90.00
_cell.angle_gamma   120.00
#
_symmetry.space_group_name_H-M   'P 65 2 2'
#
loop_
_entity.id
_entity.type
_entity.pdbx_description
1 polymer "5'-D(*GP*GP*TP*AP*GP*AP*CP*CP*TP*GP*GP*AP*CP*GP*C)-3'"
2 polymer "5'-D(*GP*CP*GP*TP*CP*CP*AP*(DRZ)P*GP*TP*CP*TP*AP*CP*C)-3'"
3 polymer '8-oxoguanine DNA glycosylase'
4 non-polymer 'CALCIUM ION'
5 non-polymer 8-AMINOGUANINE
6 water water
#
loop_
_entity_poly.entity_id
_entity_poly.type
_entity_poly.pdbx_seq_one_letter_code
_entity_poly.pdbx_strand_id
1 'polydeoxyribonucleotide' (DG)(DG)(DT)(DA)(DG)(DA)(DC)(DC)(DT)(DG)(DG)(DA)(DC)(DG)(DC) B
2 'polydeoxyribonucleotide' (DG)(DC)(DG)(DT)(DC)(DC)(DA)(DRZ)(DG)(DT)(DC)(DT)(DA)(DC)(DC) C
3 'polypeptide(L)'
;GSEGHRTLASTPALWASIPCPRSELRLDLVLPSGQSFRWREQSPAHWSGVLADQVWTLTQTEEQLHCTVYRGDKSQASRP
TPDELEAVRKYFQLDVTLAQLYHHWGSVDSHFQEVAQKFQGVRLLRQDPIECLFSFICSSNNNIARITGMVERLCQAFGP
RLIQLDDVTYHGFPSLQALAGPEVEAHLRKLGLGYRARYVSASARAILEEQGGLAWLQQLRESSYEEAHKALCILPGVGT
KVADCICLMALDKPQAVPVEVHMWHIAQRDYSWHPTTSQAKGPSPQTNKELGNFFRSLWGPYAGWAQAVLFSADLRQ
;
A
#
loop_
_chem_comp.id
_chem_comp.type
_chem_comp.name
_chem_comp.formula
ANG non-polymer 8-AMINOGUANINE 'C5 H6 N6 O'
CA non-polymer 'CALCIUM ION' 'Ca 2'
DA DNA linking 2'-DEOXYADENOSINE-5'-MONOPHOSPHATE 'C10 H14 N5 O6 P'
DC DNA linking 2'-DEOXYCYTIDINE-5'-MONOPHOSPHATE 'C9 H14 N3 O7 P'
DG DNA linking 2'-DEOXYGUANOSINE-5'-MONOPHOSPHATE 'C10 H14 N5 O7 P'
DRZ DNA linking 3',4'-DIHYDROXY-PENTANAL-5'-PHOSPHATE 'C5 H11 O7 P'
DT DNA linking THYMIDINE-5'-MONOPHOSPHATE 'C10 H15 N2 O8 P'
#
# COMPACT_ATOMS: atom_id res chain seq x y z
P DRZ B 8 -5.64 9.06 8.89
OP1 DRZ B 8 -5.95 7.61 8.81
OP2 DRZ B 8 -5.04 9.61 10.13
O5' DRZ B 8 -4.68 9.47 7.68
C5' DRZ B 8 -4.88 8.98 6.38
C4' DRZ B 8 -4.47 10.03 5.34
O4' DRZ B 8 -3.30 9.59 4.68
C3' DRZ B 8 -5.55 10.34 4.30
C2' DRZ B 8 -5.65 9.40 3.07
C1' DRZ B 8 -5.91 7.92 3.31
O1 DRZ B 8 -5.43 7.31 4.25
O3' DRZ B 8 -5.50 11.71 3.87
N GLY C 1 -8.48 -27.60 13.91
CA GLY C 1 -7.10 -27.96 13.46
C GLY C 1 -6.90 -27.64 11.99
N SER C 2 -7.59 -28.35 11.12
CA SER C 2 -7.48 -28.10 9.69
C SER C 2 -8.46 -27.01 9.27
N GLU C 3 -9.22 -26.49 10.23
CA GLU C 3 -10.21 -25.45 9.97
C GLU C 3 -9.73 -24.11 10.53
N GLY C 4 -10.26 -23.02 9.99
CA GLY C 4 -9.90 -21.69 10.44
C GLY C 4 -8.54 -21.20 10.00
N HIS C 5 -8.19 -19.98 10.40
CA HIS C 5 -6.90 -19.41 10.03
C HIS C 5 -5.81 -20.17 10.80
N ARG C 6 -4.69 -20.42 10.14
CA ARG C 6 -3.57 -21.15 10.76
C ARG C 6 -2.67 -20.26 11.62
N THR C 7 -1.93 -20.89 12.52
CA THR C 7 -0.95 -20.20 13.35
C THR C 7 0.28 -21.07 13.16
N LEU C 8 1.47 -20.49 13.34
CA LEU C 8 2.71 -21.23 13.16
C LEU C 8 2.76 -22.44 14.09
N ALA C 9 2.24 -22.27 15.30
CA ALA C 9 2.24 -23.34 16.30
C ALA C 9 1.21 -24.43 16.05
N SER C 10 0.04 -24.07 15.51
CA SER C 10 -1.01 -25.06 15.27
C SER C 10 -0.76 -26.03 14.11
N THR C 11 -0.21 -25.54 13.00
CA THR C 11 0.02 -26.40 11.86
C THR C 11 1.43 -26.22 11.29
N PRO C 12 2.45 -26.58 12.08
CA PRO C 12 3.88 -26.50 11.75
C PRO C 12 4.29 -26.89 10.33
N ALA C 13 3.87 -28.07 9.89
CA ALA C 13 4.24 -28.57 8.57
C ALA C 13 3.70 -27.77 7.39
N LEU C 14 2.76 -26.87 7.62
CA LEU C 14 2.22 -26.09 6.50
C LEU C 14 2.91 -24.75 6.27
N TRP C 15 3.86 -24.40 7.13
CA TRP C 15 4.57 -23.14 6.97
C TRP C 15 5.97 -23.33 6.38
N ALA C 16 6.43 -22.30 5.67
CA ALA C 16 7.74 -22.30 5.05
C ALA C 16 8.35 -20.95 5.42
N SER C 17 9.67 -20.93 5.62
CA SER C 17 10.35 -19.70 6.01
C SER C 17 11.08 -18.98 4.89
N ILE C 18 11.29 -17.69 5.11
CA ILE C 18 12.03 -16.85 4.18
C ILE C 18 12.98 -16.05 5.07
N PRO C 19 14.30 -16.21 4.87
CA PRO C 19 15.25 -15.47 5.69
C PRO C 19 14.90 -13.99 5.63
N CYS C 20 14.70 -13.37 6.80
CA CYS C 20 14.34 -11.96 6.84
C CYS C 20 14.38 -11.46 8.28
N PRO C 21 15.44 -10.71 8.62
CA PRO C 21 15.56 -10.17 9.99
C PRO C 21 14.51 -9.12 10.24
N ARG C 22 14.04 -9.06 11.49
CA ARG C 22 13.03 -8.10 11.89
C ARG C 22 13.50 -6.69 11.50
N SER C 23 14.81 -6.51 11.43
CA SER C 23 15.37 -5.21 11.06
C SER C 23 15.05 -4.83 9.61
N GLU C 24 14.74 -5.83 8.79
CA GLU C 24 14.42 -5.61 7.38
C GLU C 24 12.91 -5.49 7.12
N LEU C 25 12.10 -5.94 8.08
CA LEU C 25 10.65 -5.89 7.92
C LEU C 25 9.93 -6.14 9.24
N ARG C 26 8.99 -5.27 9.55
CA ARG C 26 8.17 -5.43 10.74
C ARG C 26 6.75 -5.46 10.18
N LEU C 27 6.15 -6.64 10.14
CA LEU C 27 4.79 -6.76 9.61
C LEU C 27 3.82 -5.80 10.30
N ASP C 28 3.94 -5.71 11.63
CA ASP C 28 3.04 -4.86 12.41
C ASP C 28 3.18 -3.37 12.10
N LEU C 29 4.27 -2.97 11.47
CA LEU C 29 4.45 -1.56 11.13
C LEU C 29 4.15 -1.31 9.66
N VAL C 30 4.12 -2.37 8.88
CA VAL C 30 3.88 -2.26 7.44
C VAL C 30 2.44 -2.55 6.99
N LEU C 31 1.88 -3.68 7.42
CA LEU C 31 0.55 -4.08 6.97
C LEU C 31 -0.68 -3.25 7.36
N PRO C 32 -0.68 -2.60 8.53
CA PRO C 32 -1.88 -1.81 8.86
C PRO C 32 -1.63 -0.30 8.78
N SER C 33 -0.54 0.10 8.11
CA SER C 33 -0.16 1.51 8.04
C SER C 33 -0.66 2.35 6.87
N GLY C 34 -1.66 1.87 6.15
CA GLY C 34 -2.19 2.65 5.05
C GLY C 34 -1.47 2.49 3.73
N GLN C 35 -0.76 1.40 3.54
CA GLN C 35 -0.08 1.12 2.28
C GLN C 35 -1.11 0.22 1.58
N SER C 36 -1.38 -0.91 2.20
CA SER C 36 -2.40 -1.84 1.71
C SER C 36 -3.48 -1.85 2.79
N PHE C 37 -4.74 -1.96 2.38
CA PHE C 37 -5.82 -1.99 3.35
C PHE C 37 -6.42 -3.39 3.43
N ARG C 38 -5.71 -4.36 2.88
CA ARG C 38 -6.25 -5.71 2.84
C ARG C 38 -5.68 -6.79 3.76
N TRP C 39 -4.93 -6.39 4.79
CA TRP C 39 -4.38 -7.37 5.70
C TRP C 39 -5.02 -7.22 7.08
N ARG C 40 -5.26 -8.35 7.74
CA ARG C 40 -5.86 -8.32 9.06
C ARG C 40 -5.12 -9.28 9.99
N GLU C 41 -4.89 -8.85 11.22
CA GLU C 41 -4.22 -9.66 12.21
C GLU C 41 -5.30 -10.54 12.85
N GLN C 42 -5.70 -11.61 12.14
CA GLN C 42 -6.76 -12.49 12.64
C GLN C 42 -6.40 -13.25 13.92
N SER C 43 -5.10 -13.46 14.12
CA SER C 43 -4.56 -14.12 15.31
C SER C 43 -3.39 -13.23 15.72
N PRO C 44 -3.08 -13.17 17.02
CA PRO C 44 -1.96 -12.34 17.44
C PRO C 44 -0.67 -12.62 16.66
N ALA C 45 -0.10 -11.55 16.08
CA ALA C 45 1.13 -11.63 15.30
C ALA C 45 1.01 -12.35 13.94
N HIS C 46 -0.19 -12.81 13.61
CA HIS C 46 -0.42 -13.49 12.33
C HIS C 46 -1.31 -12.62 11.45
N TRP C 47 -0.80 -12.28 10.26
CA TRP C 47 -1.52 -11.42 9.33
C TRP C 47 -1.99 -12.19 8.10
N SER C 48 -3.28 -12.11 7.80
CA SER C 48 -3.79 -12.81 6.63
C SER C 48 -4.40 -11.86 5.60
N GLY C 49 -4.29 -12.25 4.34
CA GLY C 49 -4.81 -11.42 3.26
C GLY C 49 -4.52 -12.06 1.92
N VAL C 50 -4.93 -11.39 0.85
CA VAL C 50 -4.73 -11.92 -0.49
C VAL C 50 -3.44 -11.39 -1.09
N LEU C 51 -2.58 -12.30 -1.52
CA LEU C 51 -1.29 -11.92 -2.11
C LEU C 51 -1.12 -12.77 -3.35
N ALA C 52 -1.06 -12.12 -4.49
CA ALA C 52 -0.91 -12.81 -5.77
C ALA C 52 -2.06 -13.82 -6.00
N ASP C 53 -3.29 -13.34 -5.83
CA ASP C 53 -4.50 -14.15 -6.06
C ASP C 53 -4.76 -15.36 -5.17
N GLN C 54 -4.06 -15.43 -4.06
CA GLN C 54 -4.25 -16.53 -3.12
C GLN C 54 -4.26 -15.95 -1.72
N VAL C 55 -4.90 -16.63 -0.78
CA VAL C 55 -4.95 -16.15 0.60
C VAL C 55 -3.70 -16.67 1.32
N TRP C 56 -3.06 -15.80 2.09
CA TRP C 56 -1.86 -16.16 2.85
C TRP C 56 -1.97 -15.68 4.29
N THR C 57 -1.22 -16.31 5.19
CA THR C 57 -1.14 -15.87 6.56
C THR C 57 0.37 -15.73 6.77
N LEU C 58 0.78 -14.60 7.33
CA LEU C 58 2.19 -14.34 7.55
C LEU C 58 2.47 -14.02 9.01
N THR C 59 3.64 -14.43 9.48
CA THR C 59 4.03 -14.15 10.85
C THR C 59 5.56 -14.22 10.90
N GLN C 60 6.17 -13.52 11.85
CA GLN C 60 7.62 -13.55 11.89
C GLN C 60 8.26 -13.83 13.24
N THR C 61 9.48 -14.35 13.17
CA THR C 61 10.31 -14.62 14.34
C THR C 61 11.46 -13.62 14.15
N GLU C 62 12.44 -13.59 15.04
CA GLU C 62 13.52 -12.62 14.88
C GLU C 62 14.27 -12.65 13.56
N GLU C 63 14.53 -13.84 13.03
CA GLU C 63 15.27 -13.95 11.78
C GLU C 63 14.50 -14.51 10.61
N GLN C 64 13.23 -14.87 10.81
CA GLN C 64 12.48 -15.48 9.72
C GLN C 64 11.07 -14.93 9.49
N LEU C 65 10.67 -14.87 8.22
CA LEU C 65 9.32 -14.46 7.85
C LEU C 65 8.67 -15.80 7.52
N HIS C 66 7.71 -16.22 8.35
CA HIS C 66 7.01 -17.49 8.14
C HIS C 66 5.76 -17.28 7.29
N CYS C 67 5.58 -18.13 6.29
CA CYS C 67 4.45 -18.01 5.38
C CYS C 67 3.66 -19.30 5.18
N THR C 68 2.36 -19.17 4.95
CA THR C 68 1.49 -20.31 4.69
C THR C 68 0.47 -19.86 3.64
N VAL C 69 0.04 -20.76 2.78
CA VAL C 69 -0.89 -20.39 1.71
C VAL C 69 -2.09 -21.34 1.64
N TYR C 70 -3.26 -20.76 1.35
CA TYR C 70 -4.49 -21.56 1.23
C TYR C 70 -4.90 -21.47 -0.23
N ARG C 71 -4.77 -22.58 -0.95
CA ARG C 71 -5.09 -22.58 -2.36
C ARG C 71 -6.58 -22.84 -2.66
N SER C 75 -5.37 -30.37 -4.21
CA SER C 75 -5.83 -29.31 -3.28
C SER C 75 -5.44 -29.64 -1.84
N GLN C 76 -4.71 -30.73 -1.67
CA GLN C 76 -4.28 -31.12 -0.32
C GLN C 76 -3.45 -29.99 0.29
N ALA C 77 -3.75 -29.65 1.54
CA ALA C 77 -3.00 -28.60 2.22
C ALA C 77 -1.52 -28.95 2.21
N SER C 78 -0.68 -27.98 1.85
CA SER C 78 0.77 -28.19 1.81
C SER C 78 1.50 -26.86 1.97
N ARG C 79 2.78 -26.94 2.32
CA ARG C 79 3.60 -25.76 2.50
C ARG C 79 3.74 -25.01 1.18
N PRO C 80 4.09 -23.72 1.23
CA PRO C 80 4.25 -22.93 -0.01
C PRO C 80 5.45 -23.44 -0.79
N THR C 81 5.37 -23.38 -2.11
CA THR C 81 6.47 -23.83 -2.94
C THR C 81 7.49 -22.69 -3.06
N PRO C 82 8.73 -23.03 -3.45
CA PRO C 82 9.75 -21.97 -3.58
C PRO C 82 9.27 -20.84 -4.49
N ASP C 83 8.54 -21.19 -5.54
CA ASP C 83 8.03 -20.18 -6.47
C ASP C 83 6.98 -19.27 -5.82
N GLU C 84 6.06 -19.87 -5.05
CA GLU C 84 5.03 -19.09 -4.38
C GLU C 84 5.72 -18.16 -3.39
N LEU C 85 6.75 -18.67 -2.72
CA LEU C 85 7.51 -17.87 -1.75
C LEU C 85 8.16 -16.66 -2.43
N GLU C 86 8.56 -16.82 -3.70
CA GLU C 86 9.16 -15.71 -4.43
C GLU C 86 8.11 -14.63 -4.62
N ALA C 87 6.85 -15.04 -4.70
CA ALA C 87 5.76 -14.09 -4.88
C ALA C 87 5.72 -13.19 -3.63
N VAL C 88 5.96 -13.79 -2.47
CA VAL C 88 5.98 -13.04 -1.22
C VAL C 88 7.22 -12.12 -1.22
N ARG C 89 8.38 -12.69 -1.54
CA ARG C 89 9.60 -11.88 -1.56
C ARG C 89 9.40 -10.66 -2.46
N LYS C 90 8.76 -10.86 -3.60
CA LYS C 90 8.52 -9.77 -4.54
C LYS C 90 7.53 -8.74 -4.01
N TYR C 91 6.49 -9.20 -3.34
CA TYR C 91 5.47 -8.31 -2.77
C TYR C 91 6.14 -7.36 -1.77
N PHE C 92 7.08 -7.90 -1.00
CA PHE C 92 7.81 -7.12 -0.01
C PHE C 92 9.12 -6.51 -0.52
N GLN C 93 9.40 -6.70 -1.82
CA GLN C 93 10.60 -6.14 -2.43
C GLN C 93 11.82 -6.43 -1.56
N LEU C 94 11.94 -7.67 -1.11
CA LEU C 94 13.03 -8.07 -0.23
C LEU C 94 14.44 -7.96 -0.79
N ASP C 95 14.57 -7.67 -2.08
CA ASP C 95 15.90 -7.52 -2.66
C ASP C 95 16.44 -6.14 -2.28
N VAL C 96 15.54 -5.23 -1.91
CA VAL C 96 15.93 -3.89 -1.48
C VAL C 96 16.33 -4.03 -0.02
N THR C 97 17.59 -3.70 0.28
CA THR C 97 18.10 -3.81 1.64
C THR C 97 17.72 -2.57 2.44
N LEU C 98 16.80 -2.74 3.38
CA LEU C 98 16.34 -1.64 4.18
C LEU C 98 17.46 -1.04 5.03
N ALA C 99 18.34 -1.90 5.54
CA ALA C 99 19.46 -1.45 6.36
C ALA C 99 20.34 -0.44 5.61
N GLN C 100 20.52 -0.64 4.32
CA GLN C 100 21.32 0.27 3.51
C GLN C 100 20.61 1.61 3.37
N LEU C 101 19.29 1.57 3.12
CA LEU C 101 18.52 2.81 2.97
C LEU C 101 18.46 3.61 4.29
N TYR C 102 18.17 2.94 5.40
CA TYR C 102 18.09 3.60 6.70
C TYR C 102 19.44 4.27 7.01
N HIS C 103 20.53 3.60 6.68
CA HIS C 103 21.85 4.15 6.92
C HIS C 103 22.00 5.48 6.18
N HIS C 104 21.70 5.47 4.89
CA HIS C 104 21.83 6.68 4.08
C HIS C 104 20.95 7.81 4.57
N TRP C 105 19.68 7.53 4.81
CA TRP C 105 18.75 8.57 5.26
C TRP C 105 19.22 9.13 6.59
N GLY C 106 19.56 8.23 7.51
CA GLY C 106 20.01 8.67 8.82
C GLY C 106 21.28 9.49 8.76
N SER C 107 22.11 9.24 7.76
CA SER C 107 23.37 9.98 7.65
C SER C 107 23.17 11.40 7.13
N VAL C 108 22.13 11.63 6.33
CA VAL C 108 21.88 12.96 5.80
C VAL C 108 20.76 13.67 6.54
N ASP C 109 20.12 12.97 7.48
CA ASP C 109 19.01 13.58 8.22
C ASP C 109 19.02 13.11 9.67
N SER C 110 19.61 13.93 10.54
CA SER C 110 19.71 13.61 11.95
C SER C 110 18.37 13.29 12.61
N HIS C 111 17.30 13.96 12.16
CA HIS C 111 16.01 13.67 12.74
C HIS C 111 15.58 12.26 12.35
N PHE C 112 15.79 11.89 11.09
CA PHE C 112 15.43 10.57 10.64
C PHE C 112 16.13 9.52 11.49
N GLN C 113 17.43 9.70 11.69
CA GLN C 113 18.18 8.73 12.47
C GLN C 113 17.54 8.47 13.85
N GLU C 114 17.08 9.53 14.50
CA GLU C 114 16.46 9.39 15.82
C GLU C 114 15.18 8.57 15.74
N VAL C 115 14.31 8.90 14.80
CA VAL C 115 13.05 8.17 14.64
C VAL C 115 13.29 6.72 14.22
N ALA C 116 14.16 6.54 13.23
CA ALA C 116 14.48 5.21 12.70
C ALA C 116 14.90 4.19 13.76
N GLN C 117 15.60 4.64 14.79
CA GLN C 117 16.06 3.74 15.84
C GLN C 117 14.91 2.89 16.39
N LYS C 118 13.77 3.53 16.64
CA LYS C 118 12.61 2.85 17.19
C LYS C 118 11.58 2.33 16.17
N PHE C 119 11.78 2.63 14.89
CA PHE C 119 10.85 2.16 13.88
C PHE C 119 11.56 1.52 12.71
N GLN C 120 12.22 0.41 13.01
CA GLN C 120 12.95 -0.34 12.01
C GLN C 120 11.99 -1.22 11.25
N GLY C 121 12.44 -1.70 10.09
CA GLY C 121 11.62 -2.60 9.30
C GLY C 121 10.44 -2.06 8.54
N VAL C 122 10.36 -0.74 8.36
CA VAL C 122 9.26 -0.16 7.60
C VAL C 122 9.73 -0.05 6.15
N ARG C 123 9.20 -0.92 5.30
CA ARG C 123 9.57 -0.93 3.90
C ARG C 123 8.30 -0.76 3.08
N LEU C 124 8.44 -0.63 1.77
CA LEU C 124 7.29 -0.44 0.89
C LEU C 124 6.86 -1.71 0.18
N LEU C 125 5.56 -1.96 0.17
CA LEU C 125 4.98 -3.11 -0.52
C LEU C 125 4.98 -2.75 -2.02
N ARG C 126 5.11 -3.76 -2.87
CA ARG C 126 5.05 -3.55 -4.32
C ARG C 126 3.65 -4.03 -4.67
N GLN C 127 2.72 -3.10 -4.82
CA GLN C 127 1.32 -3.44 -5.08
C GLN C 127 0.84 -3.47 -6.52
N ASP C 128 -0.28 -4.15 -6.74
CA ASP C 128 -0.89 -4.26 -8.06
C ASP C 128 -1.51 -2.91 -8.40
N PRO C 129 -1.28 -2.40 -9.62
CA PRO C 129 -1.81 -1.10 -10.04
C PRO C 129 -3.30 -0.89 -9.87
N ILE C 130 -4.10 -1.87 -10.28
CA ILE C 130 -5.55 -1.73 -10.16
C ILE C 130 -5.98 -1.63 -8.71
N GLU C 131 -5.53 -2.56 -7.88
CA GLU C 131 -5.91 -2.51 -6.48
C GLU C 131 -5.46 -1.19 -5.86
N CYS C 132 -4.21 -0.82 -6.17
CA CYS C 132 -3.65 0.40 -5.63
C CYS C 132 -4.45 1.63 -6.03
N LEU C 133 -4.75 1.73 -7.33
CA LEU C 133 -5.53 2.84 -7.85
C LEU C 133 -6.89 3.03 -7.18
N PHE C 134 -7.70 1.98 -7.12
CA PHE C 134 -9.01 2.12 -6.53
C PHE C 134 -9.01 2.22 -5.00
N SER C 135 -8.04 1.59 -4.36
CA SER C 135 -7.97 1.70 -2.91
C SER C 135 -7.65 3.15 -2.56
N PHE C 136 -6.67 3.75 -3.22
CA PHE C 136 -6.34 5.13 -2.90
C PHE C 136 -7.37 6.12 -3.39
N ILE C 137 -8.18 5.73 -4.36
CA ILE C 137 -9.25 6.61 -4.80
C ILE C 137 -10.20 6.72 -3.60
N CYS C 138 -10.34 5.61 -2.86
CA CYS C 138 -11.21 5.57 -1.69
C CYS C 138 -10.58 6.26 -0.46
N SER C 139 -9.27 6.53 -0.52
CA SER C 139 -8.55 7.11 0.61
C SER C 139 -8.67 8.61 0.87
N SER C 140 -9.02 9.38 -0.17
CA SER C 140 -9.13 10.83 -0.05
C SER C 140 -10.14 11.34 0.98
N ASN C 141 -9.73 12.34 1.77
CA ASN C 141 -10.62 12.96 2.77
C ASN C 141 -11.25 11.84 3.59
N ASN C 142 -10.41 10.92 4.06
CA ASN C 142 -10.90 9.74 4.79
C ASN C 142 -9.87 9.19 5.79
N ASN C 143 -10.32 8.33 6.69
CA ASN C 143 -9.40 7.72 7.66
C ASN C 143 -9.17 6.25 7.35
N ILE C 144 -7.99 5.74 7.71
CA ILE C 144 -7.62 4.36 7.45
C ILE C 144 -8.65 3.31 7.88
N ALA C 145 -9.27 3.50 9.04
CA ALA C 145 -10.25 2.55 9.53
C ALA C 145 -11.45 2.45 8.56
N ARG C 146 -12.02 3.60 8.23
CA ARG C 146 -13.16 3.64 7.32
C ARG C 146 -12.74 3.12 5.94
N ILE C 147 -11.60 3.59 5.44
CA ILE C 147 -11.10 3.15 4.15
C ILE C 147 -11.02 1.64 4.08
N THR C 148 -10.46 1.03 5.12
CA THR C 148 -10.33 -0.41 5.17
C THR C 148 -11.69 -1.09 5.03
N GLY C 149 -12.71 -0.53 5.67
CA GLY C 149 -14.05 -1.11 5.57
C GLY C 149 -14.55 -0.98 4.15
N MET C 150 -14.46 0.22 3.61
CA MET C 150 -14.90 0.48 2.24
C MET C 150 -14.27 -0.50 1.26
N VAL C 151 -12.96 -0.68 1.35
CA VAL C 151 -12.25 -1.58 0.43
C VAL C 151 -12.71 -3.03 0.59
N GLU C 152 -12.96 -3.46 1.81
CA GLU C 152 -13.42 -4.82 2.03
C GLU C 152 -14.79 -5.05 1.38
N ARG C 153 -15.71 -4.13 1.60
CA ARG C 153 -17.06 -4.25 1.06
C ARG C 153 -17.04 -4.22 -0.47
N LEU C 154 -16.15 -3.41 -1.04
CA LEU C 154 -16.00 -3.32 -2.49
C LEU C 154 -15.56 -4.66 -3.06
N CYS C 155 -14.57 -5.28 -2.41
CA CYS C 155 -14.07 -6.58 -2.88
C CYS C 155 -15.08 -7.71 -2.72
N GLN C 156 -15.82 -7.70 -1.63
CA GLN C 156 -16.81 -8.74 -1.39
C GLN C 156 -17.92 -8.66 -2.44
N ALA C 157 -18.34 -7.45 -2.78
CA ALA C 157 -19.40 -7.25 -3.76
C ALA C 157 -18.98 -7.45 -5.21
N PHE C 158 -17.75 -7.08 -5.56
CA PHE C 158 -17.32 -7.19 -6.96
C PHE C 158 -16.09 -8.03 -7.28
N GLY C 159 -15.42 -8.55 -6.26
CA GLY C 159 -14.22 -9.35 -6.52
C GLY C 159 -14.48 -10.85 -6.54
N PRO C 160 -13.60 -11.64 -7.16
CA PRO C 160 -13.75 -13.10 -7.25
C PRO C 160 -13.69 -13.72 -5.85
N ARG C 161 -14.57 -14.68 -5.57
CA ARG C 161 -14.54 -15.34 -4.28
C ARG C 161 -13.37 -16.31 -4.28
N LEU C 162 -12.54 -16.27 -3.23
CA LEU C 162 -11.39 -17.16 -3.17
C LEU C 162 -11.67 -18.35 -2.26
N ILE C 163 -11.37 -18.22 -0.97
CA ILE C 163 -11.64 -19.28 -0.03
C ILE C 163 -12.18 -18.67 1.25
N GLN C 164 -12.71 -19.51 2.12
CA GLN C 164 -13.29 -19.07 3.38
C GLN C 164 -12.52 -19.71 4.54
N LEU C 165 -12.22 -18.92 5.56
CA LEU C 165 -11.51 -19.40 6.75
C LEU C 165 -12.33 -18.86 7.92
N ASP C 166 -12.76 -19.75 8.80
CA ASP C 166 -13.62 -19.35 9.91
C ASP C 166 -14.84 -18.72 9.24
N ASP C 167 -15.23 -17.52 9.66
CA ASP C 167 -16.38 -16.85 9.06
C ASP C 167 -15.98 -15.75 8.06
N VAL C 168 -14.74 -15.78 7.62
CA VAL C 168 -14.23 -14.77 6.67
C VAL C 168 -14.11 -15.34 5.27
N THR C 169 -14.76 -14.71 4.30
CA THR C 169 -14.67 -15.16 2.92
C THR C 169 -13.75 -14.18 2.19
N TYR C 170 -12.62 -14.66 1.70
CA TYR C 170 -11.68 -13.79 1.01
C TYR C 170 -12.05 -13.59 -0.45
N HIS C 171 -11.85 -12.37 -0.93
CA HIS C 171 -12.15 -12.03 -2.31
C HIS C 171 -10.94 -11.39 -2.98
N GLY C 172 -10.78 -11.63 -4.27
CA GLY C 172 -9.68 -11.00 -4.99
C GLY C 172 -10.16 -9.58 -5.24
N PHE C 173 -9.27 -8.69 -5.65
CA PHE C 173 -9.68 -7.32 -5.92
C PHE C 173 -10.46 -7.33 -7.24
N PRO C 174 -11.52 -6.52 -7.35
CA PRO C 174 -12.34 -6.48 -8.57
C PRO C 174 -11.59 -6.08 -9.82
N SER C 175 -12.07 -6.53 -10.97
CA SER C 175 -11.47 -6.20 -12.25
C SER C 175 -12.01 -4.86 -12.75
N LEU C 176 -11.35 -4.33 -13.76
CA LEU C 176 -11.77 -3.07 -14.37
C LEU C 176 -13.18 -3.28 -14.95
N GLN C 177 -13.37 -4.39 -15.64
CA GLN C 177 -14.67 -4.69 -16.24
C GLN C 177 -15.77 -4.66 -15.20
N ALA C 178 -15.50 -5.25 -14.04
CA ALA C 178 -16.50 -5.30 -12.99
C ALA C 178 -16.82 -3.93 -12.41
N LEU C 179 -15.79 -3.15 -12.14
CA LEU C 179 -15.99 -1.83 -11.58
C LEU C 179 -16.64 -0.86 -12.58
N ALA C 180 -16.47 -1.16 -13.86
CA ALA C 180 -17.03 -0.32 -14.93
C ALA C 180 -18.46 -0.71 -15.26
N GLY C 181 -18.93 -1.78 -14.63
CA GLY C 181 -20.27 -2.28 -14.89
C GLY C 181 -21.44 -1.36 -14.60
N PRO C 182 -22.61 -1.71 -15.15
CA PRO C 182 -23.82 -0.91 -14.94
C PRO C 182 -24.30 -0.89 -13.49
N GLU C 183 -24.64 0.30 -12.99
CA GLU C 183 -25.14 0.47 -11.64
C GLU C 183 -24.15 0.21 -10.51
N VAL C 184 -22.87 0.22 -10.83
CA VAL C 184 -21.85 0.00 -9.81
C VAL C 184 -21.85 1.17 -8.82
N GLU C 185 -21.98 2.39 -9.35
CA GLU C 185 -22.01 3.57 -8.50
C GLU C 185 -23.07 3.47 -7.42
N ALA C 186 -24.30 3.14 -7.82
CA ALA C 186 -25.40 3.02 -6.87
C ALA C 186 -25.11 1.96 -5.80
N HIS C 187 -24.58 0.82 -6.22
CA HIS C 187 -24.30 -0.26 -5.28
C HIS C 187 -23.22 0.18 -4.28
N LEU C 188 -22.20 0.85 -4.79
CA LEU C 188 -21.11 1.35 -3.93
C LEU C 188 -21.61 2.36 -2.91
N ARG C 189 -22.61 3.16 -3.28
CA ARG C 189 -23.16 4.14 -2.35
C ARG C 189 -23.88 3.42 -1.21
N LYS C 190 -24.55 2.32 -1.52
CA LYS C 190 -25.24 1.55 -0.48
C LYS C 190 -24.19 0.87 0.40
N LEU C 191 -22.96 0.77 -0.11
CA LEU C 191 -21.89 0.16 0.65
C LEU C 191 -21.13 1.22 1.44
N GLY C 192 -21.59 2.47 1.35
CA GLY C 192 -20.99 3.56 2.08
C GLY C 192 -19.75 4.27 1.56
N LEU C 193 -19.46 4.15 0.27
CA LEU C 193 -18.26 4.83 -0.26
C LEU C 193 -18.47 6.32 -0.39
N GLY C 194 -19.70 6.79 -0.17
CA GLY C 194 -19.97 8.21 -0.29
C GLY C 194 -19.76 8.68 -1.71
N TYR C 195 -19.33 9.94 -1.86
CA TYR C 195 -19.10 10.53 -3.16
C TYR C 195 -18.01 9.87 -3.99
N ARG C 196 -17.16 9.07 -3.34
CA ARG C 196 -16.09 8.40 -4.08
C ARG C 196 -16.65 7.23 -4.89
N ALA C 197 -17.90 6.89 -4.63
CA ALA C 197 -18.55 5.80 -5.36
C ALA C 197 -18.51 6.13 -6.85
N ARG C 198 -18.80 7.38 -7.18
CA ARG C 198 -18.79 7.81 -8.58
C ARG C 198 -17.37 7.83 -9.14
N TYR C 199 -16.40 8.20 -8.30
CA TYR C 199 -15.02 8.22 -8.77
C TYR C 199 -14.61 6.84 -9.21
N VAL C 200 -15.00 5.83 -8.45
CA VAL C 200 -14.64 4.46 -8.77
C VAL C 200 -15.22 4.05 -10.13
N SER C 201 -16.53 4.20 -10.26
CA SER C 201 -17.19 3.83 -11.51
C SER C 201 -16.63 4.66 -12.66
N ALA C 202 -16.57 5.97 -12.49
CA ALA C 202 -16.07 6.84 -13.55
C ALA C 202 -14.64 6.53 -13.97
N SER C 203 -13.75 6.24 -13.01
CA SER C 203 -12.38 5.91 -13.37
C SER C 203 -12.24 4.56 -14.04
N ALA C 204 -13.06 3.59 -13.64
CA ALA C 204 -12.97 2.28 -14.27
C ALA C 204 -13.37 2.43 -15.74
N ARG C 205 -14.43 3.16 -16.00
CA ARG C 205 -14.89 3.37 -17.37
C ARG C 205 -13.89 4.19 -18.17
N ALA C 206 -13.34 5.23 -17.56
CA ALA C 206 -12.36 6.07 -18.25
C ALA C 206 -11.15 5.28 -18.74
N ILE C 207 -10.64 4.36 -17.93
CA ILE C 207 -9.49 3.56 -18.31
C ILE C 207 -9.83 2.58 -19.43
N LEU C 208 -11.00 1.96 -19.29
CA LEU C 208 -11.45 0.98 -20.26
C LEU C 208 -11.96 1.58 -21.57
N GLU C 209 -12.64 2.73 -21.49
CA GLU C 209 -13.22 3.33 -22.68
C GLU C 209 -12.55 4.59 -23.24
N GLU C 210 -11.58 5.15 -22.53
CA GLU C 210 -10.92 6.36 -23.01
C GLU C 210 -9.39 6.31 -23.01
N GLN C 211 -8.80 5.44 -22.20
CA GLN C 211 -7.34 5.38 -22.11
C GLN C 211 -6.65 4.17 -22.73
N GLY C 212 -7.40 3.17 -23.17
CA GLY C 212 -6.76 2.02 -23.76
C GLY C 212 -6.71 0.75 -22.91
N GLY C 213 -7.42 0.75 -21.79
CA GLY C 213 -7.45 -0.44 -20.96
C GLY C 213 -6.34 -0.68 -19.95
N LEU C 214 -6.37 -1.86 -19.35
CA LEU C 214 -5.40 -2.27 -18.34
C LEU C 214 -3.97 -1.99 -18.77
N ALA C 215 -3.68 -2.23 -20.04
CA ALA C 215 -2.35 -2.02 -20.60
C ALA C 215 -1.84 -0.60 -20.36
N TRP C 216 -2.74 0.37 -20.44
CA TRP C 216 -2.39 1.78 -20.22
C TRP C 216 -1.80 1.99 -18.82
N LEU C 217 -2.42 1.37 -17.83
CA LEU C 217 -2.00 1.51 -16.45
C LEU C 217 -0.70 0.75 -16.21
N GLN C 218 -0.71 -0.52 -16.55
CA GLN C 218 0.45 -1.37 -16.36
C GLN C 218 1.68 -0.82 -17.09
N GLN C 219 1.45 -0.02 -18.11
CA GLN C 219 2.54 0.57 -18.89
C GLN C 219 3.29 1.64 -18.12
N LEU C 220 2.60 2.29 -17.18
CA LEU C 220 3.22 3.35 -16.40
C LEU C 220 4.43 2.88 -15.60
N ARG C 221 4.54 1.59 -15.37
CA ARG C 221 5.67 1.07 -14.61
C ARG C 221 7.00 1.33 -15.32
N GLU C 222 6.98 1.31 -16.65
CA GLU C 222 8.20 1.55 -17.43
C GLU C 222 8.40 3.03 -17.76
N SER C 223 7.34 3.83 -17.58
CA SER C 223 7.40 5.27 -17.84
C SER C 223 8.09 5.97 -16.67
N SER C 224 8.40 7.26 -16.84
CA SER C 224 9.06 8.02 -15.78
C SER C 224 8.04 8.52 -14.77
N TYR C 225 8.51 8.87 -13.57
CA TYR C 225 7.65 9.37 -12.51
C TYR C 225 6.79 10.52 -13.00
N GLU C 226 7.42 11.49 -13.67
CA GLU C 226 6.71 12.65 -14.20
C GLU C 226 5.60 12.22 -15.16
N GLU C 227 5.92 11.33 -16.09
CA GLU C 227 4.94 10.85 -17.06
C GLU C 227 3.80 10.15 -16.30
N ALA C 228 4.16 9.10 -15.57
CA ALA C 228 3.20 8.33 -14.79
C ALA C 228 2.28 9.20 -13.96
N HIS C 229 2.87 10.08 -13.15
CA HIS C 229 2.07 10.96 -12.29
C HIS C 229 1.09 11.83 -13.05
N LYS C 230 1.50 12.30 -14.23
CA LYS C 230 0.63 13.14 -15.04
C LYS C 230 -0.54 12.33 -15.60
N ALA C 231 -0.24 11.13 -16.10
CA ALA C 231 -1.27 10.27 -16.67
C ALA C 231 -2.37 9.97 -15.65
N LEU C 232 -1.96 9.57 -14.44
CA LEU C 232 -2.91 9.24 -13.38
C LEU C 232 -3.88 10.35 -13.00
N CYS C 233 -3.38 11.59 -12.96
CA CYS C 233 -4.24 12.71 -12.58
C CYS C 233 -5.41 12.93 -13.55
N ILE C 234 -5.36 12.26 -14.69
CA ILE C 234 -6.42 12.36 -15.69
C ILE C 234 -7.70 11.71 -15.17
N LEU C 235 -7.53 10.64 -14.40
CA LEU C 235 -8.66 9.89 -13.83
C LEU C 235 -9.46 10.64 -12.76
N PRO C 236 -10.79 10.46 -12.75
CA PRO C 236 -11.71 11.09 -11.79
C PRO C 236 -11.45 10.65 -10.35
N GLY C 237 -11.30 11.62 -9.46
CA GLY C 237 -11.05 11.32 -8.06
C GLY C 237 -9.56 11.18 -7.76
N VAL C 238 -8.73 11.31 -8.79
CA VAL C 238 -7.30 11.19 -8.62
C VAL C 238 -6.58 12.53 -8.75
N GLY C 239 -6.13 13.07 -7.62
CA GLY C 239 -5.37 14.32 -7.63
C GLY C 239 -3.89 14.02 -7.49
N THR C 240 -3.07 15.05 -7.26
CA THR C 240 -1.63 14.87 -7.14
C THR C 240 -1.23 13.92 -6.00
N LYS C 241 -1.96 13.97 -4.89
CA LYS C 241 -1.66 13.10 -3.75
C LYS C 241 -1.96 11.63 -4.06
N VAL C 242 -3.19 11.35 -4.49
CA VAL C 242 -3.55 9.97 -4.81
C VAL C 242 -2.59 9.42 -5.84
N ALA C 243 -2.27 10.24 -6.84
CA ALA C 243 -1.34 9.83 -7.89
C ALA C 243 0.01 9.48 -7.30
N ASP C 244 0.50 10.29 -6.37
CA ASP C 244 1.80 10.02 -5.75
C ASP C 244 1.78 8.68 -5.00
N CYS C 245 0.71 8.45 -4.24
CA CYS C 245 0.59 7.18 -3.53
C CYS C 245 0.69 6.01 -4.50
N ILE C 246 -0.05 6.10 -5.60
CA ILE C 246 -0.04 5.04 -6.61
C ILE C 246 1.35 4.91 -7.26
N CYS C 247 1.97 6.04 -7.60
CA CYS C 247 3.30 5.99 -8.21
C CYS C 247 4.30 5.31 -7.31
N LEU C 248 4.29 5.70 -6.03
CA LEU C 248 5.21 5.15 -5.05
C LEU C 248 4.98 3.69 -4.70
N MET C 249 3.73 3.31 -4.54
CA MET C 249 3.41 1.96 -4.10
C MET C 249 3.03 0.90 -5.13
N ALA C 250 2.79 1.31 -6.37
CA ALA C 250 2.43 0.34 -7.40
C ALA C 250 3.15 0.52 -8.74
N LEU C 251 3.71 1.70 -8.98
CA LEU C 251 4.38 1.95 -10.25
C LEU C 251 5.91 2.08 -10.20
N ASP C 252 6.49 1.63 -9.09
CA ASP C 252 7.93 1.67 -8.89
C ASP C 252 8.59 3.04 -9.03
N LYS C 253 7.99 4.07 -8.43
CA LYS C 253 8.60 5.41 -8.46
C LYS C 253 8.95 5.66 -6.99
N PRO C 254 10.10 5.13 -6.54
CA PRO C 254 10.49 5.33 -5.14
C PRO C 254 10.75 6.77 -4.70
N GLN C 255 10.79 7.70 -5.65
CA GLN C 255 11.04 9.10 -5.29
C GLN C 255 9.76 9.87 -5.07
N ALA C 256 8.61 9.24 -5.37
CA ALA C 256 7.32 9.89 -5.19
C ALA C 256 7.05 10.08 -3.71
N VAL C 257 6.68 11.30 -3.32
CA VAL C 257 6.39 11.63 -1.93
C VAL C 257 4.97 12.17 -1.78
N PRO C 258 4.03 11.33 -1.31
CA PRO C 258 2.63 11.75 -1.13
C PRO C 258 2.50 12.82 -0.04
N VAL C 259 2.02 14.01 -0.41
CA VAL C 259 1.87 15.06 0.59
C VAL C 259 0.44 15.36 1.00
N GLU C 260 0.16 15.15 2.28
CA GLU C 260 -1.15 15.39 2.86
C GLU C 260 -0.94 15.93 4.28
N VAL C 261 -1.98 15.90 5.10
CA VAL C 261 -1.88 16.42 6.46
C VAL C 261 -0.73 15.88 7.31
N HIS C 262 -0.52 14.57 7.29
CA HIS C 262 0.54 13.96 8.08
C HIS C 262 1.94 14.47 7.79
N MET C 263 2.30 14.52 6.50
CA MET C 263 3.62 14.98 6.12
C MET C 263 3.79 16.48 6.41
N TRP C 264 2.71 17.23 6.31
CA TRP C 264 2.77 18.67 6.61
C TRP C 264 3.10 18.86 8.09
N HIS C 265 2.47 18.07 8.94
CA HIS C 265 2.69 18.13 10.38
C HIS C 265 4.14 17.79 10.69
N ILE C 266 4.62 16.71 10.07
CA ILE C 266 5.99 16.26 10.24
C ILE C 266 6.96 17.35 9.80
N ALA C 267 6.72 17.92 8.62
CA ALA C 267 7.57 18.97 8.08
C ALA C 267 7.70 20.17 9.02
N GLN C 268 6.57 20.64 9.52
CA GLN C 268 6.57 21.80 10.39
C GLN C 268 7.12 21.54 11.78
N ARG C 269 6.73 20.43 12.37
CA ARG C 269 7.17 20.09 13.71
C ARG C 269 8.60 19.62 13.81
N ASP C 270 9.02 18.75 12.89
CA ASP C 270 10.35 18.19 12.97
C ASP C 270 11.45 18.81 12.13
N TYR C 271 11.08 19.69 11.18
CA TYR C 271 12.08 20.33 10.35
C TYR C 271 11.89 21.84 10.30
N SER C 272 10.87 22.34 10.99
CA SER C 272 10.57 23.79 11.01
C SER C 272 10.44 24.28 9.56
N TRP C 273 9.86 23.45 8.71
CA TRP C 273 9.71 23.81 7.31
C TRP C 273 8.58 24.82 7.04
N HIS C 274 8.82 25.67 6.05
CA HIS C 274 7.85 26.69 5.61
C HIS C 274 8.04 26.82 4.11
N PRO C 275 6.94 27.08 3.38
CA PRO C 275 7.03 27.24 1.93
C PRO C 275 7.87 28.48 1.65
N THR C 276 8.60 28.50 0.55
CA THR C 276 9.41 29.66 0.20
C THR C 276 9.06 30.20 -1.17
N THR C 277 9.04 29.33 -2.16
CA THR C 277 8.72 29.75 -3.53
C THR C 277 7.22 29.87 -3.75
N SER C 278 6.44 29.08 -3.01
CA SER C 278 4.98 29.11 -3.14
C SER C 278 4.39 30.42 -2.65
N GLN C 279 3.17 30.69 -3.07
CA GLN C 279 2.47 31.92 -2.70
C GLN C 279 1.86 31.82 -1.31
N ALA C 280 1.17 30.71 -1.05
CA ALA C 280 0.51 30.48 0.23
C ALA C 280 1.48 30.17 1.37
N LYS C 281 0.94 30.17 2.59
CA LYS C 281 1.72 29.87 3.78
C LYS C 281 1.32 28.50 4.32
N GLY C 282 0.09 28.09 3.97
CA GLY C 282 -0.42 26.81 4.40
C GLY C 282 -0.59 25.86 3.21
N PRO C 283 -1.24 24.72 3.41
CA PRO C 283 -1.45 23.74 2.34
C PRO C 283 -2.21 24.31 1.14
N SER C 284 -1.72 24.00 -0.05
CA SER C 284 -2.31 24.46 -1.30
C SER C 284 -1.59 23.69 -2.39
N PRO C 285 -2.14 23.67 -3.62
CA PRO C 285 -1.42 22.92 -4.66
C PRO C 285 0.04 23.35 -4.85
N GLN C 286 0.32 24.63 -4.72
CA GLN C 286 1.69 25.11 -4.88
C GLN C 286 2.61 24.71 -3.73
N THR C 287 2.13 24.86 -2.50
CA THR C 287 2.93 24.52 -1.33
C THR C 287 3.09 23.02 -1.15
N ASN C 288 2.07 22.25 -1.54
CA ASN C 288 2.15 20.79 -1.44
C ASN C 288 3.23 20.27 -2.37
N LYS C 289 3.29 20.84 -3.58
CA LYS C 289 4.30 20.40 -4.53
C LYS C 289 5.68 20.77 -4.01
N GLU C 290 5.77 21.93 -3.38
CA GLU C 290 7.05 22.39 -2.84
C GLU C 290 7.56 21.47 -1.73
N LEU C 291 6.65 21.04 -0.85
CA LEU C 291 7.02 20.15 0.25
C LEU C 291 7.56 18.85 -0.32
N GLY C 292 6.90 18.33 -1.36
CA GLY C 292 7.34 17.10 -1.98
C GLY C 292 8.77 17.25 -2.49
N ASN C 293 9.07 18.40 -3.06
CA ASN C 293 10.42 18.61 -3.56
C ASN C 293 11.41 18.70 -2.42
N PHE C 294 10.98 19.30 -1.31
CA PHE C 294 11.83 19.42 -0.13
C PHE C 294 12.25 18.03 0.34
N PHE C 295 11.29 17.13 0.47
CA PHE C 295 11.62 15.77 0.92
C PHE C 295 12.50 15.02 -0.05
N ARG C 296 12.33 15.26 -1.35
CA ARG C 296 13.18 14.57 -2.30
C ARG C 296 14.60 15.10 -2.19
N SER C 297 14.72 16.41 -2.01
CA SER C 297 16.02 17.04 -1.89
C SER C 297 16.76 16.56 -0.63
N LEU C 298 16.00 16.31 0.42
CA LEU C 298 16.57 15.85 1.69
C LEU C 298 16.98 14.38 1.71
N TRP C 299 16.08 13.49 1.27
CA TRP C 299 16.33 12.06 1.29
C TRP C 299 16.86 11.40 0.01
N GLY C 300 16.66 12.04 -1.14
CA GLY C 300 17.18 11.46 -2.37
C GLY C 300 16.20 10.65 -3.17
N PRO C 301 16.69 9.77 -4.06
CA PRO C 301 15.94 8.89 -4.96
C PRO C 301 14.87 7.99 -4.31
N TYR C 302 15.06 7.64 -3.04
CA TYR C 302 14.08 6.79 -2.35
C TYR C 302 13.34 7.57 -1.27
N ALA C 303 13.12 8.86 -1.55
CA ALA C 303 12.43 9.76 -0.62
C ALA C 303 11.05 9.24 -0.24
N GLY C 304 10.39 8.55 -1.17
CA GLY C 304 9.08 8.00 -0.89
C GLY C 304 9.14 6.94 0.19
N TRP C 305 10.18 6.10 0.14
CA TRP C 305 10.36 5.07 1.13
C TRP C 305 10.67 5.67 2.50
N ALA C 306 11.48 6.72 2.53
CA ALA C 306 11.80 7.37 3.79
C ALA C 306 10.52 7.95 4.36
N GLN C 307 9.70 8.55 3.49
CA GLN C 307 8.42 9.12 3.88
C GLN C 307 7.57 8.08 4.60
N ALA C 308 7.59 6.85 4.09
CA ALA C 308 6.80 5.78 4.68
C ALA C 308 7.20 5.50 6.13
N VAL C 309 8.49 5.64 6.44
CA VAL C 309 8.97 5.39 7.78
C VAL C 309 8.40 6.43 8.76
N LEU C 310 8.56 7.72 8.45
CA LEU C 310 8.03 8.74 9.33
C LEU C 310 6.49 8.75 9.34
N PHE C 311 5.86 8.53 8.18
CA PHE C 311 4.39 8.49 8.09
C PHE C 311 3.86 7.37 8.99
N SER C 312 4.45 6.20 8.86
CA SER C 312 4.07 5.03 9.66
C SER C 312 4.25 5.39 11.14
N ALA C 313 5.39 5.98 11.47
CA ALA C 313 5.67 6.36 12.85
C ALA C 313 4.72 7.44 13.35
N ASP C 314 4.23 8.29 12.45
CA ASP C 314 3.31 9.35 12.86
C ASP C 314 1.90 8.81 13.11
N LEU C 315 1.58 7.65 12.53
CA LEU C 315 0.27 7.03 12.73
C LEU C 315 0.26 6.45 14.13
N ARG C 316 1.32 5.73 14.46
CA ARG C 316 1.46 5.11 15.77
C ARG C 316 1.36 6.22 16.83
N GLN C 317 1.97 7.36 16.54
CA GLN C 317 1.97 8.50 17.46
C GLN C 317 0.58 9.11 17.61
CA CA D . -8.55 17.39 6.18
N9 ANG E . -2.39 8.08 2.66
C4 ANG E . -1.03 8.23 2.72
N3 ANG E . -0.35 9.40 2.69
C2 ANG E . 0.96 9.22 2.76
N2 ANG E . 1.77 10.28 2.74
N1 ANG E . 1.55 7.99 2.83
C6 ANG E . 0.88 6.78 2.86
O6 ANG E . 1.50 5.72 2.95
C5 ANG E . -0.52 6.96 2.80
N7 ANG E . -1.55 6.02 2.79
C8 ANG E . -2.65 6.73 2.71
N8 ANG E . -3.75 6.26 2.68
#